data_5FR1
#
_entry.id   5FR1
#
_cell.length_a   53.100
_cell.length_b   67.640
_cell.length_c   120.230
_cell.angle_alpha   90.00
_cell.angle_beta   90.00
_cell.angle_gamma   90.00
#
_symmetry.space_group_name_H-M   'P 21 21 21'
#
loop_
_entity.id
_entity.type
_entity.pdbx_description
1 polymer 'TRANSFORMING PROTEIN RHOA'
2 polymer 'RHO GDP-DISSOCIATION INHIBITOR 1'
3 non-polymer "GUANOSINE-5'-DIPHOSPHATE"
4 non-polymer 'MAGNESIUM ION'
5 water water
#
loop_
_entity_poly.entity_id
_entity_poly.type
_entity_poly.pdbx_seq_one_letter_code
_entity_poly.pdbx_strand_id
1 'polypeptide(L)'
;GGSMAAIRKKLVIVGDGACGKTCLLIVFSKDQFPEVYVPTVFENYVADIEVDGKQVELALWDTAGQEDYDRLRPLSYPDT
DVILMCFSIDSPDSLENIPEKWTPEVKHFCPNVPIILVGNKKDLRNDEHTRRELAKMKQEPVKPEEGRDMANRIGAFGYM
ECSAKTKDGVREVFEMATRAALQARRGKKKSGCLVL
;
A
2 'polypeptide(L)'
;HMAHHHHHHMAEQEPTAEQLAQIAAENEEDEHSVNYKPPAQKSIQEIQELDKDDESLRKYKEALLGRVAVSADPNVPNVV
VTRLTLVCSTAPGPLELDLTGDLESFKKQSFVLKEGVEYRIKISFRVNREIVSGM(ALY)YIQHTYRKGVKID(ALY)TD
YMVGSYGPRAEEYEFLTPMEEAPKGMLARGSYNIKSRFTDDDRTDHLSWEWNLTIKKEWKD
;
B
#
loop_
_chem_comp.id
_chem_comp.type
_chem_comp.name
_chem_comp.formula
GDP RNA linking GUANOSINE-5'-DIPHOSPHATE 'C10 H15 N5 O11 P2'
MG non-polymer 'MAGNESIUM ION' 'Mg 2'
#
# COMPACT_ATOMS: atom_id res chain seq x y z
N ILE A 7 19.59 2.69 1.05
CA ILE A 7 18.42 1.83 0.65
C ILE A 7 17.16 2.02 1.52
N ARG A 8 16.15 2.66 0.95
CA ARG A 8 14.91 3.00 1.62
C ARG A 8 13.92 1.86 1.53
N LYS A 9 13.36 1.46 2.65
CA LYS A 9 12.18 0.63 2.65
C LYS A 9 11.08 1.27 3.51
N LYS A 10 9.82 1.03 3.14
CA LYS A 10 8.71 1.51 3.91
C LYS A 10 7.99 0.39 4.62
N LEU A 11 7.76 0.58 5.92
CA LEU A 11 6.95 -0.35 6.77
C LEU A 11 5.70 0.35 7.28
N VAL A 12 4.57 -0.29 7.16
CA VAL A 12 3.34 0.23 7.74
C VAL A 12 2.86 -0.80 8.72
N ILE A 13 2.54 -0.34 9.92
CA ILE A 13 1.97 -1.21 10.96
C ILE A 13 0.41 -1.07 11.09
N VAL A 14 -0.30 -2.17 10.85
CA VAL A 14 -1.76 -2.23 10.92
C VAL A 14 -2.26 -3.22 11.97
N GLY A 15 -3.55 -3.20 12.25
CA GLY A 15 -4.12 -4.07 13.27
C GLY A 15 -5.10 -3.29 14.13
N ASP A 16 -5.92 -4.03 14.88
CA ASP A 16 -7.00 -3.47 15.64
C ASP A 16 -6.58 -2.43 16.65
N GLY A 17 -7.51 -1.53 16.95
CA GLY A 17 -7.33 -0.49 17.90
C GLY A 17 -7.00 -1.16 19.20
N ALA A 18 -5.97 -0.66 19.85
CA ALA A 18 -5.54 -1.11 21.22
C ALA A 18 -4.84 -2.47 21.25
N CYS A 19 -4.37 -2.98 20.13
CA CYS A 19 -3.61 -4.23 20.20
C CYS A 19 -2.12 -3.97 20.47
N GLY A 20 -1.72 -2.69 20.60
CA GLY A 20 -0.37 -2.33 20.99
C GLY A 20 0.55 -1.89 19.87
N LYS A 21 -0.04 -1.40 18.78
CA LYS A 21 0.73 -0.96 17.60
C LYS A 21 1.66 0.18 17.93
N THR A 22 1.15 1.16 18.65
CA THR A 22 1.83 2.39 18.85
C THR A 22 2.97 2.20 19.81
N CYS A 23 2.72 1.52 20.90
CA CYS A 23 3.77 1.20 21.87
C CYS A 23 4.92 0.41 21.24
N LEU A 24 4.57 -0.62 20.48
CA LEU A 24 5.57 -1.34 19.73
C LEU A 24 6.51 -0.38 18.98
N LEU A 25 5.93 0.61 18.32
CA LEU A 25 6.67 1.49 17.43
C LEU A 25 7.58 2.44 18.17
N ILE A 26 7.05 2.91 19.28
CA ILE A 26 7.72 3.81 20.22
C ILE A 26 8.86 3.10 20.94
N VAL A 27 8.59 1.89 21.41
CA VAL A 27 9.64 1.07 22.00
C VAL A 27 10.76 0.89 21.00
N PHE A 28 10.41 0.66 19.74
CA PHE A 28 11.48 0.49 18.76
C PHE A 28 12.35 1.73 18.58
N SER A 29 11.76 2.91 18.56
CA SER A 29 12.59 4.11 18.38
C SER A 29 13.20 4.66 19.66
N LYS A 30 12.54 4.48 20.81
CA LYS A 30 13.01 5.08 22.04
C LYS A 30 13.60 4.08 23.02
N ASP A 31 13.28 2.82 22.84
CA ASP A 31 13.69 1.77 23.76
C ASP A 31 13.07 1.89 25.15
N GLN A 32 12.09 2.77 25.33
CA GLN A 32 11.36 2.86 26.61
C GLN A 32 9.86 2.69 26.38
N PHE A 33 9.26 1.71 27.03
CA PHE A 33 7.82 1.59 27.02
C PHE A 33 7.23 2.86 27.63
N PRO A 34 6.20 3.46 26.97
CA PRO A 34 5.50 4.63 27.52
C PRO A 34 4.51 4.24 28.59
N GLU A 35 4.67 4.78 29.78
CA GLU A 35 3.75 4.48 30.87
C GLU A 35 2.97 5.69 31.28
N VAL A 36 3.30 6.85 30.72
CA VAL A 36 2.71 8.10 31.13
C VAL A 36 1.58 8.46 30.16
N TYR A 37 1.95 8.58 28.89
CA TYR A 37 0.98 8.93 27.87
C TYR A 37 1.27 8.17 26.58
N VAL A 38 0.22 7.63 25.97
CA VAL A 38 0.33 6.93 24.68
C VAL A 38 -0.54 7.60 23.62
N PRO A 39 0.11 8.28 22.67
CA PRO A 39 -0.66 8.89 21.61
C PRO A 39 -1.46 7.85 20.82
N THR A 40 -2.51 8.28 20.13
CA THR A 40 -3.31 7.34 19.31
C THR A 40 -2.49 6.83 18.12
N VAL A 41 -1.76 7.73 17.48
CA VAL A 41 -0.87 7.43 16.38
C VAL A 41 0.46 8.17 16.54
N PHE A 42 1.56 7.43 16.50
CA PHE A 42 2.89 7.98 16.68
C PHE A 42 3.32 8.50 15.31
N GLU A 43 4.03 9.65 15.29
CA GLU A 43 4.55 10.21 14.05
C GLU A 43 5.46 9.23 13.35
N ASN A 44 5.27 9.11 12.05
CA ASN A 44 6.17 8.31 11.27
C ASN A 44 7.56 8.91 11.36
N TYR A 45 8.56 8.08 11.18
CA TYR A 45 9.95 8.44 11.44
C TYR A 45 10.82 7.42 10.70
N VAL A 46 12.11 7.69 10.63
CA VAL A 46 13.03 6.97 9.78
C VAL A 46 14.13 6.41 10.67
N ALA A 47 14.19 5.09 10.77
CA ALA A 47 15.19 4.43 11.59
C ALA A 47 16.25 3.81 10.70
N ASP A 48 17.52 4.01 11.08
CA ASP A 48 18.68 3.46 10.38
C ASP A 48 19.10 2.15 10.98
N ILE A 49 18.67 1.06 10.37
CA ILE A 49 18.90 -0.32 10.83
C ILE A 49 19.92 -0.98 9.88
N GLU A 50 20.57 -2.05 10.32
CA GLU A 50 21.43 -2.87 9.44
C GLU A 50 21.05 -4.33 9.52
N VAL A 51 20.91 -4.99 8.37
CA VAL A 51 20.56 -6.41 8.36
C VAL A 51 21.30 -7.17 7.25
N ASP A 52 21.74 -8.39 7.61
CA ASP A 52 22.41 -9.33 6.71
C ASP A 52 23.53 -8.67 5.92
N GLY A 53 24.42 -8.01 6.65
CA GLY A 53 25.53 -7.26 6.05
C GLY A 53 25.09 -6.11 5.14
N LYS A 54 23.98 -5.46 5.49
CA LYS A 54 23.41 -4.39 4.64
C LYS A 54 22.71 -3.26 5.38
N GLN A 55 22.90 -2.05 4.90
CA GLN A 55 22.47 -0.84 5.58
C GLN A 55 21.08 -0.41 5.02
N VAL A 56 20.13 -0.12 5.92
CA VAL A 56 18.73 0.15 5.52
C VAL A 56 18.07 1.38 6.20
N GLU A 57 17.68 2.36 5.37
CA GLU A 57 16.86 3.51 5.76
C GLU A 57 15.40 2.99 5.84
N LEU A 58 14.91 2.69 7.03
CA LEU A 58 13.58 2.11 7.21
C LEU A 58 12.58 3.16 7.65
N ALA A 59 11.49 3.35 6.86
CA ALA A 59 10.44 4.37 7.15
C ALA A 59 9.24 3.71 7.78
N LEU A 60 8.87 4.12 8.99
CA LEU A 60 7.84 3.43 9.77
C LEU A 60 6.61 4.24 9.97
N TRP A 61 5.49 3.68 9.53
CA TRP A 61 4.23 4.30 9.70
C TRP A 61 3.30 3.53 10.65
N ASP A 62 2.89 4.20 11.72
CA ASP A 62 1.80 3.77 12.60
C ASP A 62 0.50 4.12 11.86
N THR A 63 -0.60 3.52 12.28
CA THR A 63 -1.90 3.77 11.67
C THR A 63 -2.99 3.84 12.76
N ALA A 64 -4.16 4.28 12.31
CA ALA A 64 -5.37 4.23 13.08
C ALA A 64 -6.24 3.02 12.63
N GLY A 65 -6.33 1.99 13.51
CA GLY A 65 -7.13 0.78 13.25
C GLY A 65 -8.63 0.89 13.26
N GLN A 66 -9.20 1.98 13.76
CA GLN A 66 -10.66 2.11 13.98
C GLN A 66 -11.41 2.02 12.69
N GLU A 67 -12.56 1.37 12.73
CA GLU A 67 -13.53 1.44 11.65
C GLU A 67 -13.65 2.86 11.05
N ASP A 68 -13.73 3.85 11.92
CA ASP A 68 -13.97 5.27 11.49
C ASP A 68 -12.99 5.84 10.47
N TYR A 69 -11.78 5.25 10.44
CA TYR A 69 -10.67 5.74 9.62
C TYR A 69 -10.38 4.74 8.54
N ASP A 70 -11.38 3.92 8.20
CA ASP A 70 -11.21 2.86 7.19
C ASP A 70 -10.90 3.51 5.83
N ARG A 71 -11.32 4.73 5.62
CA ARG A 71 -11.19 5.36 4.34
C ARG A 71 -9.95 6.25 4.30
N LEU A 72 -9.47 6.61 5.49
CA LEU A 72 -8.27 7.45 5.69
C LEU A 72 -6.97 6.63 5.72
N ARG A 73 -6.97 5.63 6.53
CA ARG A 73 -5.81 4.78 6.75
C ARG A 73 -5.14 4.25 5.46
N PRO A 74 -5.94 3.75 4.47
CA PRO A 74 -5.34 3.25 3.19
C PRO A 74 -4.46 4.22 2.41
N LEU A 75 -4.50 5.53 2.69
CA LEU A 75 -3.48 6.43 2.10
C LEU A 75 -2.04 6.14 2.58
N SER A 76 -1.85 5.40 3.68
CA SER A 76 -0.49 5.13 4.17
C SER A 76 0.22 4.09 3.29
N TYR A 77 -0.52 3.35 2.42
CA TYR A 77 -0.02 2.12 1.76
C TYR A 77 0.87 2.28 0.53
N PRO A 78 0.61 3.29 -0.31
CA PRO A 78 1.38 3.35 -1.49
C PRO A 78 2.87 3.32 -1.20
N ASP A 79 3.62 2.52 -1.97
CA ASP A 79 5.05 2.41 -1.83
C ASP A 79 5.47 1.70 -0.51
N THR A 80 4.59 0.89 0.04
CA THR A 80 4.92 0.09 1.18
C THR A 80 5.60 -1.20 0.75
N ASP A 81 6.69 -1.49 1.46
CA ASP A 81 7.55 -2.64 1.17
C ASP A 81 7.36 -3.83 2.12
N VAL A 82 6.92 -3.58 3.34
CA VAL A 82 6.61 -4.64 4.28
C VAL A 82 5.51 -4.19 5.25
N ILE A 83 4.68 -5.12 5.70
CA ILE A 83 3.59 -4.76 6.59
C ILE A 83 3.63 -5.55 7.89
N LEU A 84 3.52 -4.86 9.01
CA LEU A 84 3.37 -5.54 10.30
C LEU A 84 1.91 -5.59 10.68
N MET A 85 1.36 -6.78 10.67
CA MET A 85 -0.04 -6.97 10.89
C MET A 85 -0.21 -7.58 12.28
N CYS A 86 -0.65 -6.75 13.22
CA CYS A 86 -0.75 -7.18 14.59
C CYS A 86 -2.15 -7.62 15.06
N PHE A 87 -2.06 -8.29 16.18
CA PHE A 87 -3.15 -8.60 17.04
C PHE A 87 -2.47 -8.79 18.42
N SER A 88 -3.29 -8.87 19.45
CA SER A 88 -2.81 -8.98 20.81
C SER A 88 -3.07 -10.37 21.30
N ILE A 89 -2.04 -10.93 21.94
CA ILE A 89 -2.10 -12.24 22.55
C ILE A 89 -3.18 -12.31 23.65
N ASP A 90 -3.54 -11.17 24.20
CA ASP A 90 -4.66 -11.11 25.15
C ASP A 90 -6.05 -10.85 24.53
N SER A 91 -6.23 -11.09 23.22
CA SER A 91 -7.48 -10.74 22.55
C SER A 91 -7.68 -11.64 21.36
N PRO A 92 -8.31 -12.81 21.60
CA PRO A 92 -8.64 -13.66 20.48
C PRO A 92 -9.53 -12.97 19.41
N ASP A 93 -10.32 -11.96 19.81
CA ASP A 93 -11.07 -11.12 18.83
C ASP A 93 -10.13 -10.42 17.83
N SER A 94 -9.09 -9.78 18.36
CA SER A 94 -8.07 -9.11 17.53
C SER A 94 -7.46 -10.07 16.54
N LEU A 95 -7.32 -11.35 16.95
CA LEU A 95 -6.90 -12.46 16.02
C LEU A 95 -7.98 -12.94 15.02
N GLU A 96 -9.25 -12.95 15.41
CA GLU A 96 -10.33 -13.25 14.47
C GLU A 96 -10.40 -12.22 13.35
N ASN A 97 -10.07 -10.95 13.63
CA ASN A 97 -10.07 -9.91 12.63
C ASN A 97 -8.93 -9.95 11.64
N ILE A 98 -7.86 -10.66 11.96
CA ILE A 98 -6.75 -10.83 11.03
C ILE A 98 -7.26 -11.30 9.66
N PRO A 99 -7.97 -12.46 9.61
CA PRO A 99 -8.47 -12.88 8.30
C PRO A 99 -9.80 -12.21 7.90
N GLU A 100 -10.50 -11.62 8.85
CA GLU A 100 -11.77 -11.01 8.55
C GLU A 100 -11.67 -9.55 8.09
N LYS A 101 -10.58 -8.87 8.45
CA LYS A 101 -10.42 -7.46 8.11
C LYS A 101 -9.03 -7.11 7.58
N TRP A 102 -7.98 -7.36 8.34
CA TRP A 102 -6.64 -6.87 7.99
C TRP A 102 -6.05 -7.51 6.69
N THR A 103 -6.24 -8.82 6.54
CA THR A 103 -5.75 -9.52 5.34
C THR A 103 -6.55 -9.10 4.11
N PRO A 104 -7.86 -9.04 4.19
CA PRO A 104 -8.55 -8.57 2.97
C PRO A 104 -8.14 -7.15 2.58
N GLU A 105 -7.92 -6.32 3.56
CA GLU A 105 -7.48 -4.98 3.28
C GLU A 105 -6.04 -4.90 2.72
N VAL A 106 -5.09 -5.43 3.47
CA VAL A 106 -3.69 -5.38 3.11
C VAL A 106 -3.47 -6.03 1.75
N LYS A 107 -4.17 -7.12 1.44
CA LYS A 107 -3.99 -7.74 0.11
C LYS A 107 -4.61 -6.88 -0.97
N HIS A 108 -5.68 -6.19 -0.62
CA HIS A 108 -6.32 -5.34 -1.60
C HIS A 108 -5.42 -4.13 -1.96
N PHE A 109 -4.89 -3.46 -0.96
CA PHE A 109 -4.11 -2.28 -1.25
C PHE A 109 -2.64 -2.58 -1.45
N CYS A 110 -2.18 -3.74 -1.06
CA CYS A 110 -0.75 -4.03 -1.12
C CYS A 110 -0.42 -5.41 -1.68
N PRO A 111 -0.92 -5.72 -2.87
CA PRO A 111 -0.66 -7.01 -3.51
C PRO A 111 0.82 -7.19 -3.62
N ASN A 112 1.28 -8.40 -3.39
CA ASN A 112 2.70 -8.75 -3.55
C ASN A 112 3.63 -8.24 -2.45
N VAL A 113 3.06 -7.85 -1.32
CA VAL A 113 3.84 -7.20 -0.29
C VAL A 113 3.87 -8.09 0.94
N PRO A 114 5.07 -8.30 1.50
CA PRO A 114 5.15 -9.30 2.57
C PRO A 114 4.58 -8.82 3.89
N ILE A 115 3.90 -9.74 4.54
CA ILE A 115 3.25 -9.51 5.79
C ILE A 115 4.00 -10.28 6.87
N ILE A 116 4.27 -9.63 7.99
CA ILE A 116 4.75 -10.32 9.16
C ILE A 116 3.59 -10.26 10.14
N LEU A 117 3.04 -11.42 10.52
CA LEU A 117 1.97 -11.48 11.53
C LEU A 117 2.60 -11.31 12.90
N VAL A 118 2.06 -10.44 13.74
CA VAL A 118 2.71 -10.12 15.01
C VAL A 118 1.75 -10.22 16.18
N GLY A 119 2.07 -11.13 17.09
CA GLY A 119 1.36 -11.22 18.38
C GLY A 119 1.96 -10.28 19.38
N ASN A 120 1.19 -9.30 19.81
CA ASN A 120 1.64 -8.34 20.83
C ASN A 120 1.21 -8.77 22.25
N LYS A 121 1.84 -8.15 23.25
CA LYS A 121 1.57 -8.44 24.64
C LYS A 121 1.78 -9.93 24.94
N LYS A 122 2.96 -10.47 24.62
CA LYS A 122 3.36 -11.82 25.08
C LYS A 122 3.22 -11.92 26.57
N ASP A 123 3.65 -10.85 27.26
CA ASP A 123 3.70 -10.76 28.73
C ASP A 123 2.34 -10.92 29.39
N LEU A 124 1.26 -10.86 28.63
CA LEU A 124 -0.06 -11.17 29.19
C LEU A 124 -0.46 -12.64 29.04
N ARG A 125 0.35 -13.47 28.38
CA ARG A 125 -0.07 -14.84 28.15
C ARG A 125 -0.35 -15.48 29.48
N ASN A 126 0.60 -15.33 30.41
CA ASN A 126 0.52 -15.91 31.76
C ASN A 126 0.24 -14.90 32.85
N ASP A 127 -0.52 -13.87 32.54
CA ASP A 127 -0.90 -12.89 33.55
C ASP A 127 -2.19 -13.43 34.15
N GLU A 128 -2.27 -13.35 35.47
CA GLU A 128 -3.38 -13.89 36.27
C GLU A 128 -4.70 -13.15 36.01
N HIS A 129 -4.68 -11.85 36.21
CA HIS A 129 -5.87 -11.02 36.01
C HIS A 129 -6.43 -11.16 34.59
N THR A 130 -5.54 -11.10 33.59
CA THR A 130 -5.88 -11.29 32.18
C THR A 130 -6.65 -12.59 31.97
N ARG A 131 -6.05 -13.72 32.36
CA ARG A 131 -6.68 -15.05 32.22
C ARG A 131 -8.12 -15.12 32.77
N ARG A 132 -8.36 -14.43 33.87
CA ARG A 132 -9.67 -14.37 34.49
C ARG A 132 -10.69 -13.67 33.60
N GLU A 133 -10.26 -12.53 33.04
CA GLU A 133 -11.12 -11.69 32.18
C GLU A 133 -11.55 -12.46 30.95
N LEU A 134 -10.56 -12.96 30.23
CA LEU A 134 -10.82 -13.87 29.13
C LEU A 134 -11.71 -15.07 29.54
N ALA A 135 -11.49 -15.64 30.73
CA ALA A 135 -12.25 -16.82 31.21
C ALA A 135 -13.72 -16.44 31.46
N LYS A 136 -13.93 -15.19 31.85
CA LYS A 136 -15.26 -14.67 32.04
C LYS A 136 -16.06 -14.52 30.74
N MET A 137 -15.41 -14.64 29.58
CA MET A 137 -16.15 -14.81 28.31
C MET A 137 -15.69 -16.04 27.53
N LYS A 138 -15.37 -17.08 28.29
CA LYS A 138 -15.13 -18.41 27.77
C LYS A 138 -13.96 -18.48 26.79
N GLN A 139 -12.88 -17.79 27.12
CA GLN A 139 -11.71 -17.64 26.24
C GLN A 139 -10.42 -17.75 27.03
N GLU A 140 -9.33 -18.04 26.33
CA GLU A 140 -7.99 -17.94 26.90
C GLU A 140 -7.08 -17.13 26.01
N PRO A 141 -5.89 -16.76 26.53
CA PRO A 141 -4.95 -16.07 25.67
C PRO A 141 -4.67 -16.88 24.44
N VAL A 142 -4.26 -16.19 23.39
CA VAL A 142 -3.88 -16.84 22.15
C VAL A 142 -2.59 -17.64 22.42
N LYS A 143 -2.41 -18.73 21.70
CA LYS A 143 -1.24 -19.63 21.86
C LYS A 143 -0.37 -19.59 20.61
N PRO A 144 0.96 -19.82 20.74
CA PRO A 144 1.82 -19.71 19.55
C PRO A 144 1.37 -20.55 18.33
N GLU A 145 0.71 -21.67 18.55
CA GLU A 145 0.29 -22.52 17.44
C GLU A 145 -0.84 -21.83 16.71
N GLU A 146 -1.75 -21.22 17.47
CA GLU A 146 -2.86 -20.47 16.92
C GLU A 146 -2.36 -19.29 16.06
N GLY A 147 -1.30 -18.65 16.55
CA GLY A 147 -0.61 -17.60 15.77
C GLY A 147 0.06 -18.07 14.48
N ARG A 148 0.91 -19.09 14.60
CA ARG A 148 1.62 -19.65 13.45
C ARG A 148 0.63 -20.22 12.42
N ASP A 149 -0.48 -20.77 12.89
CA ASP A 149 -1.49 -21.40 12.04
C ASP A 149 -2.10 -20.38 11.12
N MET A 150 -2.35 -19.22 11.73
CA MET A 150 -2.92 -18.05 11.08
C MET A 150 -1.94 -17.46 10.08
N ALA A 151 -0.67 -17.45 10.48
CA ALA A 151 0.38 -17.02 9.59
C ALA A 151 0.38 -17.84 8.33
N ASN A 152 0.09 -19.14 8.44
CA ASN A 152 0.05 -19.99 7.26
C ASN A 152 -1.20 -19.85 6.47
N ARG A 153 -2.29 -19.73 7.19
CA ARG A 153 -3.56 -19.52 6.58
C ARG A 153 -3.62 -18.26 5.71
N ILE A 154 -2.89 -17.21 6.06
CA ILE A 154 -2.98 -15.94 5.32
C ILE A 154 -1.79 -15.69 4.40
N GLY A 155 -0.87 -16.61 4.40
CA GLY A 155 0.32 -16.47 3.57
C GLY A 155 1.29 -15.41 4.06
N ALA A 156 1.51 -15.36 5.38
CA ALA A 156 2.46 -14.44 5.98
C ALA A 156 3.88 -14.98 5.84
N PHE A 157 4.81 -14.10 5.46
CA PHE A 157 6.23 -14.37 5.46
C PHE A 157 6.72 -14.95 6.78
N GLY A 158 6.13 -14.47 7.85
CA GLY A 158 6.48 -14.92 9.17
C GLY A 158 5.43 -14.69 10.24
N TYR A 159 5.72 -15.21 11.42
CA TYR A 159 4.93 -14.97 12.62
C TYR A 159 5.93 -14.75 13.74
N MET A 160 5.85 -13.61 14.40
CA MET A 160 6.75 -13.21 15.46
C MET A 160 5.85 -12.88 16.66
N GLU A 161 6.33 -13.04 17.88
CA GLU A 161 5.57 -12.69 19.04
C GLU A 161 6.42 -11.73 19.81
N CYS A 162 5.80 -10.81 20.53
CA CYS A 162 6.55 -9.83 21.27
C CYS A 162 5.78 -9.25 22.47
N SER A 163 6.53 -8.58 23.34
CA SER A 163 5.97 -7.73 24.35
C SER A 163 6.73 -6.43 24.27
N ALA A 164 6.01 -5.33 24.04
CA ALA A 164 6.66 -4.02 24.06
C ALA A 164 6.86 -3.53 25.49
N LYS A 165 6.09 -4.11 26.43
CA LYS A 165 6.25 -3.85 27.86
C LYS A 165 7.63 -4.28 28.32
N THR A 166 7.92 -5.57 28.15
CA THR A 166 9.24 -6.17 28.47
C THR A 166 10.27 -6.01 27.33
N LYS A 167 9.85 -5.59 26.13
CA LYS A 167 10.71 -5.43 24.95
C LYS A 167 11.22 -6.75 24.39
N ASP A 168 10.79 -7.88 24.93
CA ASP A 168 11.25 -9.12 24.36
C ASP A 168 10.60 -9.26 23.00
N GLY A 169 11.41 -9.53 21.98
CA GLY A 169 10.95 -9.77 20.61
C GLY A 169 10.88 -8.56 19.67
N VAL A 170 10.96 -7.36 20.22
CA VAL A 170 10.82 -6.12 19.44
C VAL A 170 11.87 -5.98 18.34
N ARG A 171 13.16 -6.06 18.69
CA ARG A 171 14.23 -5.91 17.69
C ARG A 171 14.15 -7.04 16.68
N GLU A 172 13.59 -8.17 17.05
CA GLU A 172 13.54 -9.33 16.17
C GLU A 172 12.37 -9.18 15.18
N VAL A 173 11.29 -8.57 15.64
CA VAL A 173 10.14 -8.27 14.76
C VAL A 173 10.58 -7.44 13.59
N PHE A 174 11.19 -6.31 13.89
CA PHE A 174 11.62 -5.40 12.86
C PHE A 174 12.84 -5.91 12.08
N GLU A 175 13.64 -6.80 12.66
CA GLU A 175 14.72 -7.41 11.87
C GLU A 175 14.09 -8.29 10.82
N MET A 176 13.02 -8.99 11.19
CA MET A 176 12.28 -9.82 10.22
C MET A 176 11.56 -9.06 9.10
N ALA A 177 10.78 -8.04 9.49
CA ALA A 177 10.16 -7.11 8.53
C ALA A 177 11.18 -6.58 7.53
N THR A 178 12.28 -6.04 8.02
CA THR A 178 13.38 -5.59 7.16
C THR A 178 13.97 -6.71 6.27
N ARG A 179 14.13 -7.93 6.78
CA ARG A 179 14.59 -9.05 5.96
C ARG A 179 13.54 -9.37 4.87
N ALA A 180 12.25 -9.36 5.26
CA ALA A 180 11.14 -9.52 4.33
C ALA A 180 11.17 -8.53 3.20
N ALA A 181 11.33 -7.24 3.52
CA ALA A 181 11.37 -6.16 2.49
C ALA A 181 12.47 -6.33 1.48
N LEU A 182 13.63 -6.84 1.93
CA LEU A 182 14.80 -7.05 1.03
C LEU A 182 14.67 -8.31 0.18
N GLN A 183 14.09 -9.35 0.76
CA GLN A 183 13.84 -10.60 0.07
C GLN A 183 12.85 -10.44 -1.09
N ALA A 184 11.76 -9.70 -0.87
CA ALA A 184 10.54 -9.71 -1.73
C ALA A 184 10.68 -10.19 -3.20
N SER A 191 0.61 -4.11 -6.37
CA SER A 191 0.79 -3.98 -7.83
C SER A 191 1.35 -2.58 -8.22
N GLY A 192 2.20 -2.52 -9.26
CA GLY A 192 2.77 -1.25 -9.78
C GLY A 192 4.03 -0.84 -9.04
N CYS A 193 5.04 -0.45 -9.78
CA CYS A 193 6.36 -0.32 -9.18
C CYS A 193 6.54 0.89 -8.30
N LEU A 194 5.99 2.04 -8.65
CA LEU A 194 6.32 3.24 -7.84
C LEU A 194 5.37 4.36 -8.01
N VAL A 195 5.02 5.04 -6.92
CA VAL A 195 4.12 6.20 -6.93
C VAL A 195 4.75 7.36 -6.19
N LEU A 196 4.69 8.56 -6.75
CA LEU A 196 5.53 9.61 -6.18
C LEU A 196 4.91 10.97 -5.91
N ASN B 35 -12.65 -10.45 -1.72
CA ASN B 35 -12.96 -10.50 -0.28
C ASN B 35 -13.01 -9.14 0.42
N TYR B 36 -12.15 -8.21 0.03
CA TYR B 36 -12.15 -6.85 0.63
C TYR B 36 -13.42 -6.09 0.26
N LYS B 37 -13.98 -5.40 1.23
CA LYS B 37 -15.26 -4.65 1.05
C LYS B 37 -15.09 -3.19 1.39
N PRO B 38 -15.25 -2.34 0.40
CA PRO B 38 -15.03 -0.91 0.65
C PRO B 38 -15.88 -0.29 1.70
N PRO B 39 -15.30 0.61 2.47
CA PRO B 39 -16.00 1.21 3.59
C PRO B 39 -16.97 2.24 3.12
N ALA B 40 -17.79 2.72 4.03
CA ALA B 40 -18.70 3.80 3.77
C ALA B 40 -17.88 4.97 3.29
N GLN B 41 -18.40 5.61 2.25
CA GLN B 41 -17.92 6.95 1.78
C GLN B 41 -17.84 7.88 2.97
N LYS B 42 -16.77 8.64 3.02
CA LYS B 42 -16.62 9.65 4.07
C LYS B 42 -15.87 10.82 3.52
N SER B 43 -16.47 12.01 3.67
CA SER B 43 -15.82 13.28 3.24
C SER B 43 -14.60 13.58 4.11
N ILE B 44 -13.78 14.50 3.64
CA ILE B 44 -12.56 14.87 4.36
C ILE B 44 -12.95 15.69 5.59
N GLN B 45 -14.07 16.40 5.51
CA GLN B 45 -14.55 17.12 6.66
C GLN B 45 -15.14 16.20 7.73
N GLU B 46 -15.84 15.13 7.31
CA GLU B 46 -16.40 14.18 8.27
C GLU B 46 -15.21 13.55 8.98
N ILE B 47 -14.13 13.32 8.24
CA ILE B 47 -12.88 12.76 8.78
C ILE B 47 -12.19 13.70 9.78
N GLN B 48 -12.15 14.96 9.49
CA GLN B 48 -11.54 15.89 10.42
C GLN B 48 -12.38 16.17 11.66
N GLU B 49 -13.69 16.11 11.51
CA GLU B 49 -14.62 16.29 12.64
C GLU B 49 -14.42 15.21 13.71
N LEU B 50 -14.13 13.99 13.26
CA LEU B 50 -13.91 12.88 14.16
C LEU B 50 -12.63 13.03 14.99
N ASP B 51 -12.71 12.76 16.28
CA ASP B 51 -11.56 12.86 17.18
C ASP B 51 -10.78 14.13 16.99
N LYS B 52 -11.51 15.19 16.67
CA LYS B 52 -10.90 16.50 16.44
C LYS B 52 -10.19 17.11 17.63
N ASP B 53 -10.45 16.61 18.84
CA ASP B 53 -9.67 17.05 20.00
C ASP B 53 -8.40 16.24 20.32
N ASP B 54 -8.18 15.16 19.57
CA ASP B 54 -6.95 14.36 19.62
C ASP B 54 -5.79 14.87 18.74
N GLU B 55 -4.80 15.45 19.40
CA GLU B 55 -3.63 16.06 18.79
C GLU B 55 -2.92 15.12 17.88
N SER B 56 -2.64 13.93 18.40
CA SER B 56 -1.99 12.85 17.67
C SER B 56 -2.74 12.47 16.35
N LEU B 57 -4.08 12.34 16.42
CA LEU B 57 -4.87 12.08 15.18
C LEU B 57 -4.89 13.29 14.22
N ARG B 58 -4.87 14.51 14.79
CA ARG B 58 -4.73 15.75 14.01
C ARG B 58 -3.46 15.75 13.13
N LYS B 59 -2.30 15.51 13.72
CA LYS B 59 -1.07 15.25 12.97
C LYS B 59 -1.13 14.12 11.95
N TYR B 60 -1.73 13.00 12.34
CA TYR B 60 -1.97 11.89 11.37
C TYR B 60 -2.67 12.43 10.11
N LYS B 61 -3.81 13.09 10.29
CA LYS B 61 -4.58 13.60 9.16
C LYS B 61 -3.78 14.65 8.35
N GLU B 62 -2.98 15.46 9.03
CA GLU B 62 -2.10 16.47 8.40
C GLU B 62 -1.01 15.78 7.56
N ALA B 63 -0.44 14.73 8.12
CA ALA B 63 0.59 13.95 7.39
C ALA B 63 0.04 13.37 6.06
N LEU B 64 -1.12 12.73 6.14
CA LEU B 64 -1.74 12.09 5.00
C LEU B 64 -2.55 13.03 4.08
N LEU B 65 -2.94 14.20 4.58
CA LEU B 65 -3.70 15.19 3.80
C LEU B 65 -3.01 16.56 3.90
N VAL B 76 -15.14 20.52 -12.65
CA VAL B 76 -13.97 19.62 -12.67
C VAL B 76 -14.17 18.41 -11.78
N PRO B 77 -13.77 17.23 -12.27
CA PRO B 77 -14.03 16.10 -11.39
C PRO B 77 -12.96 15.91 -10.30
N ASN B 78 -13.20 14.94 -9.42
CA ASN B 78 -12.30 14.72 -8.31
C ASN B 78 -10.95 14.28 -8.79
N VAL B 79 -10.94 13.25 -9.65
CA VAL B 79 -9.70 12.70 -10.26
C VAL B 79 -9.56 13.11 -11.73
N VAL B 80 -8.43 13.70 -12.03
CA VAL B 80 -8.12 14.13 -13.37
C VAL B 80 -6.82 13.46 -13.72
N VAL B 81 -6.83 12.70 -14.82
CA VAL B 81 -5.68 12.11 -15.41
C VAL B 81 -5.10 13.10 -16.41
N THR B 82 -3.84 13.44 -16.24
CA THR B 82 -3.30 14.60 -16.93
C THR B 82 -2.39 14.22 -18.06
N ARG B 83 -1.50 13.26 -17.83
CA ARG B 83 -0.44 12.97 -18.77
C ARG B 83 -0.13 11.51 -18.81
N LEU B 84 0.22 11.01 -19.99
CA LEU B 84 0.84 9.71 -20.12
C LEU B 84 2.23 9.92 -20.70
N THR B 85 3.23 9.38 -20.02
CA THR B 85 4.60 9.46 -20.46
C THR B 85 5.15 8.08 -20.71
N LEU B 86 6.12 7.97 -21.61
CA LEU B 86 6.94 6.76 -21.75
C LEU B 86 8.38 6.97 -21.25
N VAL B 87 8.73 6.39 -20.12
CA VAL B 87 10.05 6.59 -19.58
C VAL B 87 10.94 5.59 -20.26
N CYS B 88 11.87 6.07 -21.04
CA CYS B 88 12.71 5.16 -21.86
C CYS B 88 14.13 5.73 -21.97
N SER B 89 15.10 5.12 -21.29
CA SER B 89 16.53 5.60 -21.31
C SER B 89 17.11 5.90 -22.71
N THR B 90 16.85 5.01 -23.69
CA THR B 90 17.44 5.09 -25.03
C THR B 90 16.70 5.97 -26.07
N ALA B 91 15.60 6.61 -25.67
CA ALA B 91 14.78 7.36 -26.65
C ALA B 91 15.36 8.74 -26.93
N PRO B 92 15.42 9.16 -28.21
CA PRO B 92 16.13 10.38 -28.56
C PRO B 92 15.37 11.68 -28.28
N GLY B 93 14.12 11.57 -27.86
CA GLY B 93 13.33 12.73 -27.50
C GLY B 93 12.30 12.32 -26.46
N PRO B 94 11.60 13.30 -25.88
CA PRO B 94 10.61 13.01 -24.84
C PRO B 94 9.34 12.38 -25.40
N LEU B 95 8.73 11.48 -24.66
CA LEU B 95 7.56 10.77 -25.18
C LEU B 95 6.29 10.95 -24.34
N GLU B 96 5.48 11.95 -24.67
CA GLU B 96 4.38 12.36 -23.78
C GLU B 96 3.06 12.64 -24.44
N LEU B 97 1.98 12.30 -23.74
CA LEU B 97 0.64 12.71 -24.12
C LEU B 97 0.09 13.64 -23.06
N ASP B 98 -0.46 14.77 -23.51
CA ASP B 98 -1.30 15.64 -22.72
C ASP B 98 -2.72 15.07 -22.81
N LEU B 99 -3.37 14.86 -21.68
CA LEU B 99 -4.74 14.28 -21.63
C LEU B 99 -5.73 15.24 -21.01
N THR B 100 -5.41 16.54 -21.03
CA THR B 100 -6.26 17.56 -20.43
C THR B 100 -7.23 18.14 -21.49
N GLY B 101 -7.58 17.34 -22.50
CA GLY B 101 -8.47 17.78 -23.56
C GLY B 101 -8.00 17.28 -24.90
N ASP B 102 -8.83 17.48 -25.94
CA ASP B 102 -8.56 17.04 -27.33
C ASP B 102 -8.37 15.54 -27.49
N LEU B 103 -9.08 14.76 -26.68
CA LEU B 103 -8.91 13.31 -26.63
C LEU B 103 -9.17 12.67 -28.00
N GLU B 104 -9.57 13.48 -28.98
CA GLU B 104 -9.84 13.02 -30.35
C GLU B 104 -8.65 13.12 -31.33
N SER B 105 -7.41 13.12 -30.82
CA SER B 105 -6.22 13.20 -31.71
C SER B 105 -5.35 11.91 -31.82
N PHE B 106 -5.65 10.88 -31.00
CA PHE B 106 -5.36 9.43 -31.28
C PHE B 106 -6.74 8.76 -31.53
N LYS B 107 -6.96 7.98 -32.60
CA LYS B 107 -5.94 7.34 -33.46
C LYS B 107 -5.57 8.10 -34.75
N LYS B 108 -4.87 9.23 -34.62
CA LYS B 108 -4.30 9.96 -35.78
C LYS B 108 -2.76 9.87 -35.80
N GLN B 109 -2.19 9.59 -34.63
CA GLN B 109 -0.75 9.61 -34.41
C GLN B 109 -0.38 8.54 -33.36
N SER B 110 0.88 8.52 -32.91
CA SER B 110 1.32 7.56 -31.88
C SER B 110 2.71 7.86 -31.23
N PHE B 111 3.15 7.01 -30.32
CA PHE B 111 4.56 6.96 -29.88
C PHE B 111 5.38 5.98 -30.71
N VAL B 112 6.44 6.45 -31.33
CA VAL B 112 7.36 5.54 -32.04
C VAL B 112 8.37 4.95 -31.03
N LEU B 113 8.67 3.68 -31.19
CA LEU B 113 9.55 3.00 -30.26
C LEU B 113 10.39 1.97 -30.99
N LYS B 114 11.70 1.96 -30.72
CA LYS B 114 12.60 1.03 -31.37
C LYS B 114 12.35 -0.33 -30.81
N GLU B 115 12.33 -1.33 -31.68
CA GLU B 115 11.99 -2.67 -31.27
C GLU B 115 12.98 -3.12 -30.18
N GLY B 116 12.48 -3.86 -29.20
CA GLY B 116 13.30 -4.43 -28.14
C GLY B 116 13.73 -3.57 -26.97
N VAL B 117 13.39 -2.28 -26.98
CA VAL B 117 13.81 -1.38 -25.89
C VAL B 117 12.98 -1.53 -24.60
N GLU B 118 13.67 -1.36 -23.48
CA GLU B 118 13.05 -1.35 -22.17
C GLU B 118 12.40 0.01 -21.89
N TYR B 119 11.23 0.01 -21.28
CA TYR B 119 10.61 1.24 -20.89
C TYR B 119 9.55 1.02 -19.84
N ARG B 120 9.18 2.06 -19.14
CA ARG B 120 8.04 2.06 -18.24
C ARG B 120 7.05 3.09 -18.73
N ILE B 121 5.81 2.90 -18.26
CA ILE B 121 4.74 3.80 -18.48
C ILE B 121 4.51 4.62 -17.19
N LYS B 122 4.46 5.93 -17.36
CA LYS B 122 4.29 6.83 -16.23
C LYS B 122 3.03 7.59 -16.49
N ILE B 123 2.05 7.38 -15.65
CA ILE B 123 0.82 8.15 -15.69
C ILE B 123 0.76 9.20 -14.57
N SER B 124 0.45 10.45 -14.94
CA SER B 124 0.30 11.53 -13.99
C SER B 124 -1.18 11.79 -13.79
N PHE B 125 -1.53 12.28 -12.62
CA PHE B 125 -2.92 12.57 -12.37
C PHE B 125 -2.99 13.46 -11.18
N ARG B 126 -4.20 14.01 -10.98
CA ARG B 126 -4.48 15.03 -9.99
C ARG B 126 -5.72 14.57 -9.21
N VAL B 127 -5.69 14.72 -7.88
CA VAL B 127 -6.83 14.53 -7.01
C VAL B 127 -7.16 15.88 -6.38
N ASN B 128 -8.40 16.30 -6.58
CA ASN B 128 -8.78 17.71 -6.46
C ASN B 128 -9.55 18.04 -5.17
N ARG B 129 -10.42 17.14 -4.72
CA ARG B 129 -11.34 17.48 -3.60
C ARG B 129 -11.41 16.48 -2.49
N GLU B 130 -11.55 15.21 -2.84
CA GLU B 130 -11.80 14.18 -1.86
C GLU B 130 -10.90 12.99 -2.07
N ILE B 131 -10.90 12.06 -1.13
CA ILE B 131 -10.13 10.84 -1.29
C ILE B 131 -10.68 9.98 -2.41
N VAL B 132 -9.80 9.37 -3.15
CA VAL B 132 -10.10 8.29 -4.08
C VAL B 132 -9.72 7.00 -3.35
N SER B 133 -10.64 6.06 -3.28
CA SER B 133 -10.30 4.85 -2.59
C SER B 133 -9.80 3.82 -3.59
N GLY B 134 -8.61 3.32 -3.33
CA GLY B 134 -8.09 2.14 -4.02
C GLY B 134 -8.18 2.18 -5.51
N MET B 135 -7.62 3.22 -6.09
CA MET B 135 -7.61 3.40 -7.52
C MET B 135 -6.77 2.34 -8.27
OH ALY B 136 -6.77 -4.51 -7.50
CH ALY B 136 -6.23 -4.81 -8.59
CH3 ALY B 136 -4.84 -5.44 -8.73
NZ ALY B 136 -6.87 -4.59 -9.76
CE ALY B 136 -8.22 -4.00 -9.87
CD ALY B 136 -8.31 -2.83 -10.83
CG ALY B 136 -7.30 -1.73 -10.49
CB ALY B 136 -7.94 -0.39 -10.22
CA ALY B 136 -6.85 0.67 -10.11
N ALY B 136 -7.37 1.82 -9.35
C ALY B 136 -6.56 1.11 -11.49
O ALY B 136 -7.30 1.90 -12.02
HH31 ALY B 136 -4.17 -4.84 -8.34
HH32 ALY B 136 -4.82 -6.29 -8.27
HH33 ALY B 136 -4.63 -5.57 -9.66
HZ ALY B 136 -6.47 -4.80 -10.49
HE3 ALY B 136 -8.52 -3.72 -8.99
HE2 ALY B 136 -8.85 -4.70 -10.15
HD3 ALY B 136 -9.21 -2.46 -10.80
HD2 ALY B 136 -8.15 -3.15 -11.73
HG3 ALY B 136 -6.67 -1.64 -11.23
HG2 ALY B 136 -6.77 -2.00 -9.72
HB3 ALY B 136 -8.46 -0.43 -9.41
HB2 ALY B 136 -8.56 -0.16 -10.94
HA ALY B 136 -6.07 0.31 -9.67
N TYR B 137 -5.49 0.62 -12.09
CA TYR B 137 -5.14 0.96 -13.50
C TYR B 137 -5.24 -0.28 -14.31
N ILE B 138 -5.98 -0.21 -15.42
CA ILE B 138 -6.17 -1.39 -16.30
C ILE B 138 -5.80 -1.08 -17.72
N GLN B 139 -5.09 -2.04 -18.33
CA GLN B 139 -4.55 -1.90 -19.68
C GLN B 139 -4.77 -3.11 -20.54
N HIS B 140 -5.29 -2.85 -21.72
CA HIS B 140 -5.52 -3.85 -22.71
C HIS B 140 -4.71 -3.46 -23.95
N THR B 141 -3.79 -4.35 -24.36
CA THR B 141 -3.05 -4.17 -25.60
C THR B 141 -3.60 -4.99 -26.76
N TYR B 142 -3.85 -4.30 -27.88
CA TYR B 142 -4.39 -4.90 -29.11
C TYR B 142 -3.38 -4.90 -30.25
N ARG B 143 -3.37 -5.98 -31.01
CA ARG B 143 -2.55 -6.10 -32.19
C ARG B 143 -3.42 -6.67 -33.24
N LYS B 144 -3.60 -5.90 -34.30
CA LYS B 144 -4.37 -6.31 -35.44
C LYS B 144 -5.74 -6.85 -34.98
N GLY B 145 -6.38 -6.20 -34.02
CA GLY B 145 -7.72 -6.61 -33.52
C GLY B 145 -7.75 -7.65 -32.42
N VAL B 146 -6.63 -8.31 -32.18
CA VAL B 146 -6.49 -9.36 -31.17
C VAL B 146 -5.93 -8.78 -29.88
N LYS B 147 -6.55 -9.09 -28.75
CA LYS B 147 -6.02 -8.70 -27.46
C LYS B 147 -4.85 -9.58 -27.05
N ILE B 148 -3.66 -9.03 -27.01
CA ILE B 148 -2.50 -9.85 -26.72
C ILE B 148 -2.13 -9.79 -25.26
N ASP B 149 -2.46 -8.71 -24.56
CA ASP B 149 -2.15 -8.57 -23.14
C ASP B 149 -3.31 -7.89 -22.40
OH ALY B 150 -10.50 -7.50 -18.43
CH ALY B 150 -10.31 -7.59 -17.22
CH3 ALY B 150 -11.36 -8.07 -16.28
NZ ALY B 150 -9.15 -7.26 -16.67
CE ALY B 150 -8.06 -6.77 -17.50
CD ALY B 150 -7.48 -7.82 -18.45
CG ALY B 150 -6.58 -7.17 -19.50
CB ALY B 150 -5.52 -8.12 -20.02
CA ALY B 150 -4.18 -7.41 -20.20
N ALY B 150 -3.32 -8.13 -21.11
C ALY B 150 -3.41 -7.39 -18.93
O ALY B 150 -2.78 -8.40 -18.51
HH31 ALY B 150 -12.14 -7.50 -16.33
HH32 ALY B 150 -11.62 -8.98 -16.51
HH33 ALY B 150 -11.02 -8.07 -15.37
HZ ALY B 150 -9.04 -7.33 -15.83
HE3 ALY B 150 -7.35 -6.44 -16.93
HE2 ALY B 150 -8.37 -6.02 -18.02
HD3 ALY B 150 -8.19 -8.30 -18.88
HD2 ALY B 150 -6.96 -8.47 -17.94
HG3 ALY B 150 -6.15 -6.39 -19.12
HG2 ALY B 150 -7.13 -6.86 -20.23
HB3 ALY B 150 -5.81 -8.48 -20.87
HB2 ALY B 150 -5.42 -8.86 -19.41
HA ALY B 150 -4.42 -6.52 -20.52
N THR B 151 -3.39 -6.22 -18.31
CA THR B 151 -2.62 -6.01 -17.13
C THR B 151 -3.38 -5.01 -16.33
N ASP B 152 -3.35 -5.18 -15.00
CA ASP B 152 -3.92 -4.16 -14.12
C ASP B 152 -3.29 -4.03 -12.74
N TYR B 153 -3.08 -2.79 -12.28
CA TYR B 153 -2.36 -2.48 -11.05
C TYR B 153 -3.15 -1.71 -10.01
N MET B 154 -2.95 -2.09 -8.76
CA MET B 154 -3.47 -1.33 -7.64
C MET B 154 -2.56 -0.14 -7.48
N VAL B 155 -3.02 1.02 -7.88
CA VAL B 155 -2.22 2.25 -7.75
C VAL B 155 -2.30 2.74 -6.32
N GLY B 156 -3.52 2.87 -5.79
CA GLY B 156 -3.76 3.01 -4.33
C GLY B 156 -4.84 4.06 -3.99
N SER B 157 -4.94 4.40 -2.69
CA SER B 157 -5.76 5.50 -2.21
C SER B 157 -4.96 6.79 -2.01
N TYR B 158 -5.51 7.93 -2.48
CA TYR B 158 -4.82 9.22 -2.51
C TYR B 158 -5.73 10.37 -2.15
N GLY B 159 -5.23 11.28 -1.32
CA GLY B 159 -5.96 12.43 -0.94
C GLY B 159 -5.70 13.49 -1.97
N PRO B 160 -6.54 14.56 -1.92
CA PRO B 160 -6.40 15.75 -2.76
C PRO B 160 -5.08 16.45 -2.43
N ARG B 161 -4.37 16.92 -3.47
CA ARG B 161 -3.24 17.82 -3.25
C ARG B 161 -2.90 18.66 -4.48
N ALA B 162 -2.13 19.72 -4.27
CA ALA B 162 -1.79 20.68 -5.34
C ALA B 162 -1.07 20.01 -6.48
N GLU B 163 0.11 19.45 -6.18
CA GLU B 163 0.98 18.79 -7.19
C GLU B 163 0.40 17.40 -7.69
N GLU B 164 0.62 17.08 -8.96
CA GLU B 164 0.07 15.89 -9.51
C GLU B 164 0.87 14.67 -8.99
N TYR B 165 0.25 13.49 -9.07
CA TYR B 165 0.84 12.25 -8.64
C TYR B 165 1.37 11.58 -9.87
N GLU B 166 2.43 10.82 -9.68
CA GLU B 166 3.07 10.12 -10.80
C GLU B 166 3.20 8.66 -10.54
N PHE B 167 2.46 7.87 -11.29
CA PHE B 167 2.45 6.45 -11.10
C PHE B 167 3.25 5.76 -12.19
N LEU B 168 4.27 5.01 -11.80
CA LEU B 168 5.20 4.35 -12.74
C LEU B 168 4.97 2.84 -12.71
N THR B 169 4.80 2.24 -13.89
CA THR B 169 4.55 0.77 -13.98
C THR B 169 5.86 0.05 -13.87
N PRO B 170 5.84 -1.27 -13.77
CA PRO B 170 7.11 -2.01 -13.95
C PRO B 170 7.64 -1.97 -15.37
N MET B 171 8.90 -2.37 -15.52
CA MET B 171 9.64 -2.26 -16.79
C MET B 171 9.01 -3.16 -17.78
N GLU B 172 8.82 -2.70 -19.00
CA GLU B 172 8.31 -3.58 -20.07
C GLU B 172 9.30 -3.59 -21.22
N GLU B 173 9.20 -4.59 -22.07
CA GLU B 173 10.05 -4.71 -23.26
C GLU B 173 9.22 -4.50 -24.57
N ALA B 174 9.67 -3.56 -25.41
CA ALA B 174 9.05 -3.37 -26.72
C ALA B 174 9.19 -4.66 -27.52
N PRO B 175 8.15 -5.01 -28.29
CA PRO B 175 8.28 -6.14 -29.19
C PRO B 175 9.38 -6.04 -30.24
N LYS B 176 9.68 -7.16 -30.90
CA LYS B 176 10.64 -7.15 -31.98
C LYS B 176 10.43 -8.29 -33.00
N GLY B 177 11.15 -8.15 -34.13
CA GLY B 177 11.14 -9.15 -35.14
C GLY B 177 10.24 -8.73 -36.27
N MET B 178 10.39 -9.39 -37.39
CA MET B 178 9.71 -9.01 -38.60
C MET B 178 8.20 -8.94 -38.41
N LEU B 179 7.64 -9.91 -37.67
CA LEU B 179 6.19 -9.99 -37.47
C LEU B 179 5.61 -9.04 -36.42
N ALA B 180 6.44 -8.37 -35.64
CA ALA B 180 5.88 -7.57 -34.54
C ALA B 180 6.02 -6.02 -34.68
N ARG B 181 6.36 -5.57 -35.87
CA ARG B 181 6.56 -4.15 -36.08
C ARG B 181 5.31 -3.50 -36.56
N GLY B 182 5.29 -2.18 -36.44
CA GLY B 182 4.08 -1.39 -36.61
C GLY B 182 3.23 -1.21 -35.36
N SER B 183 1.92 -1.15 -35.54
CA SER B 183 1.04 -0.55 -34.57
C SER B 183 0.34 -1.49 -33.60
N TYR B 184 0.30 -1.03 -32.36
CA TYR B 184 -0.42 -1.66 -31.30
C TYR B 184 -1.40 -0.61 -30.78
N ASN B 185 -2.65 -1.03 -30.60
CA ASN B 185 -3.69 -0.15 -30.03
C ASN B 185 -3.84 -0.45 -28.59
N ILE B 186 -3.90 0.60 -27.81
CA ILE B 186 -3.87 0.41 -26.38
C ILE B 186 -5.06 1.12 -25.74
N LYS B 187 -5.75 0.40 -24.86
CA LYS B 187 -6.90 0.95 -24.11
C LYS B 187 -6.56 1.11 -22.61
N SER B 188 -6.35 2.33 -22.19
CA SER B 188 -5.99 2.60 -20.82
C SER B 188 -7.26 3.04 -20.09
N ARG B 189 -7.34 2.62 -18.85
CA ARG B 189 -8.52 2.79 -18.01
C ARG B 189 -8.13 2.96 -16.52
N PHE B 190 -8.83 3.84 -15.80
CA PHE B 190 -8.76 3.88 -14.35
C PHE B 190 -10.13 3.57 -13.70
N THR B 191 -10.07 3.06 -12.49
CA THR B 191 -11.30 2.86 -11.77
C THR B 191 -10.92 2.79 -10.32
N ASP B 192 -11.89 2.62 -9.45
CA ASP B 192 -11.67 2.68 -8.00
C ASP B 192 -12.83 2.02 -7.26
N ASP B 193 -12.73 2.00 -5.95
CA ASP B 193 -13.69 1.30 -5.12
C ASP B 193 -15.08 1.98 -5.06
N ASP B 194 -15.24 3.18 -5.59
CA ASP B 194 -16.50 3.81 -5.47
C ASP B 194 -17.21 3.95 -6.82
N ARG B 195 -16.72 3.21 -7.81
CA ARG B 195 -16.99 3.49 -9.18
C ARG B 195 -16.79 2.15 -9.84
N THR B 196 -17.83 1.70 -10.52
CA THR B 196 -17.87 0.45 -11.33
C THR B 196 -17.95 0.73 -12.81
N ASP B 197 -17.25 1.76 -13.27
CA ASP B 197 -17.09 2.14 -14.68
C ASP B 197 -15.66 2.69 -14.74
N HIS B 198 -15.27 3.42 -15.80
CA HIS B 198 -13.88 3.83 -15.95
C HIS B 198 -13.64 5.23 -16.57
N LEU B 199 -12.47 5.81 -16.28
CA LEU B 199 -11.88 6.83 -17.15
C LEU B 199 -11.08 6.11 -18.20
N SER B 200 -11.38 6.35 -19.48
CA SER B 200 -10.76 5.64 -20.58
C SER B 200 -10.17 6.56 -21.63
N TRP B 201 -8.93 6.31 -22.03
CA TRP B 201 -8.35 6.91 -23.20
C TRP B 201 -7.67 5.76 -23.97
N GLU B 202 -7.20 6.06 -25.17
CA GLU B 202 -6.79 5.03 -26.16
C GLU B 202 -5.61 5.58 -26.87
N TRP B 203 -4.50 4.88 -26.85
CA TRP B 203 -3.31 5.41 -27.48
C TRP B 203 -2.62 4.36 -28.28
N ASN B 204 -1.66 4.82 -29.11
CA ASN B 204 -0.95 3.94 -30.05
C ASN B 204 0.54 3.93 -29.85
N LEU B 205 1.08 2.75 -30.12
CA LEU B 205 2.48 2.43 -30.06
C LEU B 205 2.83 1.90 -31.45
N THR B 206 3.91 2.41 -32.02
CA THR B 206 4.38 2.04 -33.35
C THR B 206 5.82 1.69 -33.16
N ILE B 207 6.13 0.41 -33.42
CA ILE B 207 7.43 -0.21 -33.20
C ILE B 207 8.24 -0.22 -34.48
N LYS B 208 9.40 0.40 -34.47
CA LYS B 208 10.25 0.41 -35.64
C LYS B 208 11.61 -0.29 -35.45
N LYS B 209 12.24 -0.61 -36.59
CA LYS B 209 13.62 -1.13 -36.62
C LYS B 209 14.51 -0.07 -35.97
N GLU B 210 14.37 1.18 -36.44
CA GLU B 210 15.12 2.35 -35.92
C GLU B 210 14.25 3.41 -35.24
N TRP B 211 14.90 4.27 -34.46
CA TRP B 211 14.19 5.36 -33.77
C TRP B 211 13.68 6.42 -34.71
PB GDP C . -2.92 0.57 19.38
O1B GDP C . -1.77 1.31 18.89
O2B GDP C . -3.17 -0.62 18.66
O3B GDP C . -4.14 1.34 19.60
O3A GDP C . -2.39 0.14 20.83
PA GDP C . -1.45 1.01 21.91
O1A GDP C . -1.96 2.34 22.24
O2A GDP C . -0.01 0.87 21.65
O5' GDP C . -1.68 0.12 23.13
C5' GDP C . -3.00 -0.15 23.65
C4' GDP C . -2.96 -0.56 25.15
O4' GDP C . -2.29 -1.82 25.36
C3' GDP C . -2.20 0.48 25.95
O3' GDP C . -2.76 0.72 27.22
C2' GDP C . -0.85 -0.12 26.10
O2' GDP C . -0.29 0.27 27.30
C1' GDP C . -1.10 -1.58 26.15
N9 GDP C . 0.07 -2.31 25.63
C8 GDP C . 0.78 -2.13 24.52
N7 GDP C . 1.74 -3.03 24.50
C5 GDP C . 1.66 -3.77 25.58
C6 GDP C . 2.38 -4.80 25.99
O6 GDP C . 3.32 -5.22 25.32
N1 GDP C . 2.02 -5.41 27.22
C2 GDP C . 0.94 -4.93 27.95
N2 GDP C . 0.60 -5.48 29.08
N3 GDP C . 0.25 -3.89 27.46
C4 GDP C . 0.61 -3.33 26.29
H5' GDP C . -3.56 0.64 23.55
H5'' GDP C . -3.41 -0.86 23.14
H4' GDP C . -3.88 -0.63 25.43
H3' GDP C . -2.23 1.35 25.51
HO3' GDP C . -3.02 0.00 27.56
H2' GDP C . -0.25 0.14 25.37
HO2' GDP C . -0.84 0.17 27.92
H1' GDP C . -1.24 -1.89 27.07
H8 GDP C . 0.61 -1.45 23.85
HN1 GDP C . 2.48 -6.08 27.51
HN21 GDP C . -0.07 -5.17 29.52
HN22 GDP C . 1.04 -6.14 29.38
MG MG D . -2.58 3.37 18.29
MG MG E . 17.30 9.07 10.66
MG MG F . -3.33 16.15 -6.91
#